data_4H89
#
_entry.id   4H89
#
_cell.length_a   42.482
_cell.length_b   64.913
_cell.length_c   56.569
_cell.angle_alpha   90.000
_cell.angle_beta   100.680
_cell.angle_gamma   90.000
#
_symmetry.space_group_name_H-M   'C 1 2 1'
#
loop_
_entity.id
_entity.type
_entity.pdbx_description
1 polymer 'GCN5-related N-acetyltransferase'
2 water water
#
_entity_poly.entity_id   1
_entity_poly.type   'polypeptide(L)'
_entity_poly.pdbx_seq_one_letter_code
;SNA(MSE)SPEALQVRDAEDADWPAILPFFREIVSAGETYAYDPELTDEQARSLW(MSE)TPSGAPQSRTTVAVDADGTV
LGSAN(MSE)YPNRPGPGAHVASASF(MSE)VAAAARGRGVGRALCQD(MSE)IDWAGREGFRAIQFNAVVETNTVAVKL
WQSLGFRVIGTVPEAFHHPTHGYVGLHV(MSE)HRPL
;
_entity_poly.pdbx_strand_id   A
#
# COMPACT_ATOMS: atom_id res chain seq x y z
N SER A 5 -15.79 -1.28 13.58
CA SER A 5 -16.22 0.16 13.62
C SER A 5 -15.07 1.15 13.44
N PRO A 6 -15.36 2.41 13.07
CA PRO A 6 -14.25 3.43 13.04
C PRO A 6 -13.52 3.64 14.39
N GLU A 7 -14.30 3.61 15.44
CA GLU A 7 -13.79 3.70 16.82
C GLU A 7 -12.90 2.52 17.23
N ALA A 8 -13.21 1.33 16.78
CA ALA A 8 -12.42 0.16 17.14
C ALA A 8 -11.17 0.05 16.28
N LEU A 9 -11.12 0.75 15.16
CA LEU A 9 -9.99 0.61 14.23
C LEU A 9 -8.87 1.54 14.66
N GLN A 10 -7.65 0.97 14.74
CA GLN A 10 -6.43 1.72 14.97
C GLN A 10 -5.38 1.39 13.94
N VAL A 11 -4.66 2.40 13.49
CA VAL A 11 -3.42 2.21 12.75
C VAL A 11 -2.24 2.49 13.73
N ARG A 12 -1.34 1.52 13.80
CA ARG A 12 -0.21 1.62 14.71
C ARG A 12 0.99 0.98 14.02
N ASP A 13 2.19 1.27 14.57
CA ASP A 13 3.38 0.65 14.06
C ASP A 13 3.23 -0.89 14.12
N ALA A 14 3.67 -1.56 13.07
CA ALA A 14 3.70 -3.00 13.04
C ALA A 14 4.73 -3.50 14.05
N GLU A 15 4.40 -4.62 14.70
CA GLU A 15 5.30 -5.33 15.59
C GLU A 15 5.77 -6.55 14.84
N ASP A 16 6.93 -7.07 15.19
CA ASP A 16 7.46 -8.26 14.50
C ASP A 16 6.51 -9.44 14.49
N ALA A 17 5.79 -9.58 15.60
CA ALA A 17 4.78 -10.59 15.76
C ALA A 17 3.56 -10.45 14.86
N ASP A 18 3.34 -9.27 14.23
CA ASP A 18 2.23 -9.11 13.28
C ASP A 18 2.50 -9.75 11.93
N TRP A 19 3.75 -10.07 11.61
CA TRP A 19 4.08 -10.54 10.24
C TRP A 19 3.27 -11.78 9.81
N PRO A 20 3.12 -12.79 10.67
CA PRO A 20 2.32 -13.93 10.24
C PRO A 20 0.91 -13.63 9.83
N ALA A 21 0.30 -12.57 10.36
CA ALA A 21 -1.03 -12.16 9.95
C ALA A 21 -1.01 -11.39 8.65
N ILE A 22 0.09 -10.72 8.34
CA ILE A 22 0.23 -9.94 7.10
C ILE A 22 0.54 -10.80 5.88
N LEU A 23 1.38 -11.82 6.08
CA LEU A 23 1.82 -12.74 5.01
C LEU A 23 0.68 -13.24 4.12
N PRO A 24 -0.43 -13.74 4.71
CA PRO A 24 -1.51 -14.18 3.80
C PRO A 24 -2.09 -13.11 2.94
N PHE A 25 -2.06 -11.84 3.36
CA PHE A 25 -2.53 -10.76 2.49
C PHE A 25 -1.70 -10.65 1.26
N PHE A 26 -0.39 -10.71 1.46
CA PHE A 26 0.56 -10.67 0.38
C PHE A 26 0.28 -11.79 -0.60
N ARG A 27 0.19 -13.01 -0.09
CA ARG A 27 -0.12 -14.16 -0.95
C ARG A 27 -1.43 -13.99 -1.72
N GLU A 28 -2.48 -13.47 -1.07
N GLU A 28 -2.44 -13.41 -1.10
CA GLU A 28 -3.79 -13.22 -1.76
CA GLU A 28 -3.74 -13.27 -1.75
C GLU A 28 -3.55 -12.28 -2.93
C GLU A 28 -3.68 -12.21 -2.85
N ILE A 29 -2.82 -11.19 -2.68
CA ILE A 29 -2.60 -10.20 -3.75
C ILE A 29 -1.85 -10.74 -4.95
N VAL A 30 -0.78 -11.52 -4.72
CA VAL A 30 -0.05 -12.15 -5.81
C VAL A 30 -0.94 -13.13 -6.56
N SER A 31 -1.66 -13.97 -5.83
N SER A 31 -1.67 -13.96 -5.84
CA SER A 31 -2.57 -14.94 -6.44
CA SER A 31 -2.60 -14.91 -6.43
C SER A 31 -3.64 -14.28 -7.33
C SER A 31 -3.64 -14.27 -7.33
N ALA A 32 -4.26 -13.21 -6.85
CA ALA A 32 -5.35 -12.56 -7.59
C ALA A 32 -4.79 -11.88 -8.83
N GLY A 33 -3.62 -11.29 -8.73
CA GLY A 33 -2.94 -10.71 -9.89
C GLY A 33 -3.65 -9.49 -10.46
N GLU A 34 -4.40 -8.77 -9.62
CA GLU A 34 -5.21 -7.67 -10.08
C GLU A 34 -4.71 -6.28 -9.70
N THR A 35 -3.73 -6.16 -8.77
CA THR A 35 -3.40 -4.87 -8.15
C THR A 35 -1.94 -4.46 -8.06
N TYR A 36 -1.02 -5.40 -8.02
N TYR A 36 -1.03 -5.41 -8.08
CA TYR A 36 0.41 -5.10 -7.80
CA TYR A 36 0.39 -5.08 -8.04
C TYR A 36 1.19 -6.18 -8.58
C TYR A 36 1.17 -6.20 -8.66
N ALA A 37 2.31 -5.83 -9.19
CA ALA A 37 3.22 -6.78 -9.85
C ALA A 37 4.34 -7.21 -8.89
N TYR A 38 4.31 -8.47 -8.48
CA TYR A 38 5.36 -9.08 -7.66
C TYR A 38 5.86 -10.34 -8.31
N ASP A 39 7.11 -10.71 -7.97
CA ASP A 39 7.60 -12.06 -8.27
C ASP A 39 6.67 -13.02 -7.57
N PRO A 40 6.18 -14.02 -8.30
CA PRO A 40 5.22 -14.97 -7.76
C PRO A 40 5.78 -16.02 -6.81
N GLU A 41 7.10 -16.11 -6.74
CA GLU A 41 7.72 -17.18 -5.99
C GLU A 41 8.66 -16.71 -4.87
N LEU A 42 8.39 -15.54 -4.29
CA LEU A 42 9.18 -15.10 -3.15
C LEU A 42 8.99 -16.00 -1.97
N THR A 43 10.08 -16.23 -1.24
CA THR A 43 9.93 -16.94 0.03
C THR A 43 9.16 -16.09 1.03
N ASP A 44 8.67 -16.72 2.09
CA ASP A 44 8.03 -15.97 3.15
C ASP A 44 8.99 -14.89 3.69
N GLU A 45 10.25 -15.24 3.84
CA GLU A 45 11.26 -14.35 4.41
C GLU A 45 11.68 -13.25 3.44
N GLN A 46 11.67 -13.49 2.14
CA GLN A 46 11.88 -12.44 1.17
C GLN A 46 10.70 -11.44 1.21
N ALA A 47 9.48 -11.93 1.28
CA ALA A 47 8.34 -11.06 1.41
C ALA A 47 8.44 -10.23 2.69
N ARG A 48 8.86 -10.82 3.80
N ARG A 48 8.84 -10.84 3.80
CA ARG A 48 8.98 -10.12 5.04
CA ARG A 48 9.01 -10.15 5.04
C ARG A 48 10.02 -8.99 4.93
C ARG A 48 10.02 -9.01 4.92
N SER A 49 11.16 -9.28 4.30
CA SER A 49 12.19 -8.26 4.10
C SER A 49 11.70 -7.09 3.26
N LEU A 50 10.87 -7.36 2.26
N LEU A 50 10.85 -7.35 2.27
CA LEU A 50 10.36 -6.31 1.40
CA LEU A 50 10.36 -6.28 1.41
C LEU A 50 9.34 -5.47 2.16
C LEU A 50 9.31 -5.46 2.13
N TRP A 51 8.60 -6.08 3.08
CA TRP A 51 7.45 -5.42 3.70
C TRP A 51 7.71 -4.77 5.07
N THR A 53 9.81 -3.07 8.01
CA THR A 53 10.84 -2.03 8.01
C THR A 53 11.80 -2.27 9.12
N PRO A 54 13.06 -2.54 8.78
CA PRO A 54 14.11 -2.65 9.80
C PRO A 54 14.56 -1.29 10.34
N SER A 55 14.95 -1.23 11.60
CA SER A 55 15.46 0.01 12.17
C SER A 55 16.72 0.46 11.42
N GLY A 56 16.84 1.79 11.28
CA GLY A 56 17.98 2.38 10.63
C GLY A 56 17.66 2.56 9.17
N PRO A 58 16.21 4.10 6.25
CA PRO A 58 16.07 5.55 6.15
C PRO A 58 14.63 5.97 6.06
N GLN A 59 14.11 6.69 7.07
CA GLN A 59 12.80 7.37 6.97
C GLN A 59 11.76 6.43 6.38
N SER A 60 11.54 5.34 7.09
CA SER A 60 10.66 4.27 6.63
C SER A 60 9.87 3.76 7.80
N ARG A 61 8.74 3.11 7.51
CA ARG A 61 7.84 2.65 8.55
C ARG A 61 6.90 1.61 7.99
N THR A 62 6.50 0.67 8.85
CA THR A 62 5.43 -0.29 8.51
C THR A 62 4.39 -0.21 9.58
N THR A 63 3.12 -0.17 9.17
CA THR A 63 1.99 -0.10 10.06
C THR A 63 1.05 -1.28 9.86
N VAL A 64 0.21 -1.47 10.87
CA VAL A 64 -0.95 -2.37 10.74
C VAL A 64 -2.20 -1.60 11.13
N ALA A 65 -3.31 -2.00 10.53
CA ALA A 65 -4.65 -1.58 10.98
C ALA A 65 -5.20 -2.78 11.76
N VAL A 66 -5.67 -2.54 12.97
CA VAL A 66 -6.16 -3.53 13.85
C VAL A 66 -7.52 -3.19 14.38
N ASP A 67 -8.31 -4.23 14.63
CA ASP A 67 -9.60 -4.04 15.26
C ASP A 67 -9.44 -4.03 16.78
N ALA A 68 -10.57 -3.98 17.51
CA ALA A 68 -10.50 -3.82 18.96
C ALA A 68 -10.02 -5.06 19.67
N ASP A 69 -10.03 -6.22 19.00
CA ASP A 69 -9.44 -7.44 19.55
C ASP A 69 -7.95 -7.58 19.22
N GLY A 70 -7.39 -6.61 18.51
CA GLY A 70 -6.01 -6.67 18.04
C GLY A 70 -5.82 -7.45 16.74
N THR A 71 -6.92 -7.89 16.09
CA THR A 71 -6.80 -8.61 14.81
C THR A 71 -6.35 -7.69 13.69
N VAL A 72 -5.32 -8.09 12.98
CA VAL A 72 -4.77 -7.33 11.89
C VAL A 72 -5.71 -7.41 10.69
N LEU A 73 -6.12 -6.24 10.18
CA LEU A 73 -7.05 -6.11 9.05
C LEU A 73 -6.35 -5.63 7.78
N GLY A 74 -5.14 -5.11 7.91
CA GLY A 74 -4.42 -4.54 6.80
C GLY A 74 -3.06 -4.01 7.26
N SER A 75 -2.25 -3.63 6.28
CA SER A 75 -0.91 -3.14 6.61
C SER A 75 -0.44 -2.18 5.54
N ALA A 76 0.47 -1.28 5.90
CA ALA A 76 1.07 -0.36 4.94
C ALA A 76 2.57 -0.31 5.21
N ASN A 77 3.33 -0.03 4.18
N ASN A 77 3.32 0.02 4.15
CA ASN A 77 4.68 0.36 4.43
CA ASN A 77 4.77 0.18 4.19
C ASN A 77 4.99 1.59 3.58
C ASN A 77 5.01 1.56 3.54
N TYR A 79 8.22 4.77 2.78
CA TYR A 79 9.68 4.83 2.63
C TYR A 79 9.99 5.94 1.61
N PRO A 80 11.24 6.35 1.48
CA PRO A 80 11.57 7.26 0.39
C PRO A 80 11.41 6.57 -0.96
N ASN A 81 10.84 7.23 -1.96
CA ASN A 81 10.63 6.60 -3.24
C ASN A 81 11.90 6.32 -3.98
N ARG A 82 12.88 7.20 -3.81
CA ARG A 82 14.18 7.09 -4.43
C ARG A 82 15.19 7.59 -3.40
N PRO A 83 16.43 7.14 -3.53
CA PRO A 83 17.46 7.56 -2.58
C PRO A 83 18.07 8.89 -2.98
N GLY A 84 18.96 9.37 -2.13
CA GLY A 84 19.74 10.54 -2.44
C GLY A 84 18.92 11.75 -2.83
N PRO A 85 19.17 12.26 -4.06
CA PRO A 85 18.48 13.48 -4.46
C PRO A 85 17.02 13.30 -4.80
N GLY A 86 16.50 12.08 -4.67
CA GLY A 86 15.06 11.88 -4.78
C GLY A 86 14.35 11.55 -3.48
N ALA A 87 15.07 11.56 -2.36
CA ALA A 87 14.58 11.02 -1.13
C ALA A 87 13.49 11.89 -0.43
N HIS A 88 13.26 13.10 -0.93
CA HIS A 88 12.25 13.97 -0.39
C HIS A 88 10.83 13.63 -0.87
N VAL A 89 10.73 12.62 -1.74
CA VAL A 89 9.45 12.12 -2.18
C VAL A 89 9.26 10.74 -1.53
N ALA A 90 8.18 10.58 -0.76
CA ALA A 90 7.86 9.31 -0.14
C ALA A 90 7.04 8.46 -1.10
N SER A 91 6.98 7.17 -0.79
CA SER A 91 6.00 6.28 -1.42
C SER A 91 5.51 5.31 -0.40
N ALA A 92 4.55 4.50 -0.79
CA ALA A 92 3.96 3.55 0.11
C ALA A 92 3.24 2.49 -0.69
N SER A 93 3.01 1.38 0.00
CA SER A 93 2.18 0.27 -0.47
C SER A 93 1.20 -0.13 0.62
N PHE A 94 0.05 -0.67 0.18
CA PHE A 94 -1.05 -1.01 1.06
C PHE A 94 -1.58 -2.39 0.77
N VAL A 96 -4.90 -4.70 2.25
CA VAL A 96 -6.08 -4.86 3.12
C VAL A 96 -6.64 -6.27 2.95
N ALA A 97 -6.90 -6.93 4.06
CA ALA A 97 -7.53 -8.26 4.03
C ALA A 97 -8.80 -8.26 3.26
N ALA A 98 -9.00 -9.27 2.41
CA ALA A 98 -10.25 -9.35 1.63
C ALA A 98 -11.49 -9.19 2.52
N ALA A 99 -11.42 -9.85 3.67
CA ALA A 99 -12.52 -9.83 4.62
C ALA A 99 -12.73 -8.49 5.26
N ALA A 100 -11.73 -7.61 5.17
CA ALA A 100 -11.85 -6.31 5.76
C ALA A 100 -12.16 -5.20 4.81
N ARG A 101 -12.40 -5.51 3.53
N ARG A 101 -12.39 -5.53 3.53
CA ARG A 101 -12.76 -4.46 2.58
CA ARG A 101 -12.79 -4.51 2.56
C ARG A 101 -14.11 -3.85 2.92
C ARG A 101 -14.11 -3.84 2.96
N GLY A 102 -14.28 -2.58 2.56
CA GLY A 102 -15.51 -1.84 2.86
C GLY A 102 -15.66 -1.37 4.30
N ARG A 103 -14.58 -1.47 5.08
N ARG A 103 -14.57 -1.48 5.07
CA ARG A 103 -14.59 -1.02 6.48
CA ARG A 103 -14.54 -1.09 6.48
C ARG A 103 -13.71 0.21 6.68
C ARG A 103 -13.71 0.20 6.68
N GLY A 104 -13.27 0.81 5.57
CA GLY A 104 -12.42 2.01 5.66
C GLY A 104 -10.97 1.83 6.06
N VAL A 105 -10.49 0.60 5.89
CA VAL A 105 -9.16 0.28 6.32
C VAL A 105 -8.11 0.92 5.42
N GLY A 106 -8.32 0.85 4.12
CA GLY A 106 -7.43 1.51 3.17
C GLY A 106 -7.33 2.99 3.44
N ARG A 107 -8.47 3.64 3.67
N ARG A 107 -8.47 3.64 3.66
CA ARG A 107 -8.45 5.07 3.95
CA ARG A 107 -8.46 5.06 3.93
C ARG A 107 -7.65 5.37 5.21
C ARG A 107 -7.65 5.37 5.20
N ALA A 108 -7.88 4.61 6.26
CA ALA A 108 -7.20 4.84 7.49
C ALA A 108 -5.70 4.66 7.33
N LEU A 109 -5.29 3.60 6.66
CA LEU A 109 -3.86 3.35 6.45
C LEU A 109 -3.24 4.49 5.64
N CYS A 110 -3.90 4.92 4.58
CA CYS A 110 -3.31 5.95 3.75
C CYS A 110 -3.30 7.31 4.44
N GLN A 111 -4.36 7.67 5.14
CA GLN A 111 -4.34 8.92 5.88
C GLN A 111 -3.21 8.93 6.91
N ASP A 112 -3.05 7.82 7.62
CA ASP A 112 -1.98 7.70 8.58
C ASP A 112 -0.61 7.88 7.90
N ILE A 114 -0.01 9.57 5.10
CA ILE A 114 0.12 10.97 4.71
C ILE A 114 0.54 11.79 5.91
N ASP A 115 -0.06 11.54 7.06
CA ASP A 115 0.29 12.27 8.30
C ASP A 115 1.75 12.01 8.68
N TRP A 116 2.17 10.76 8.56
CA TRP A 116 3.56 10.40 8.83
C TRP A 116 4.50 11.12 7.88
N ALA A 117 4.20 11.11 6.60
CA ALA A 117 5.13 11.68 5.62
C ALA A 117 5.27 13.16 5.89
N GLY A 118 4.17 13.81 6.26
CA GLY A 118 4.20 15.22 6.58
C GLY A 118 5.09 15.50 7.78
N ARG A 119 4.90 14.79 8.88
CA ARG A 119 5.70 15.05 10.06
C ARG A 119 7.15 14.67 9.89
N GLU A 120 7.44 13.72 9.00
CA GLU A 120 8.82 13.32 8.74
C GLU A 120 9.50 14.22 7.72
N GLY A 121 8.79 15.22 7.21
CA GLY A 121 9.45 16.22 6.40
C GLY A 121 9.49 16.01 4.91
N PHE A 122 8.79 14.99 4.41
CA PHE A 122 8.78 14.77 2.98
C PHE A 122 8.05 15.94 2.32
N ARG A 123 8.35 16.14 1.04
CA ARG A 123 7.74 17.20 0.22
C ARG A 123 6.60 16.71 -0.67
N ALA A 124 6.47 15.40 -0.86
CA ALA A 124 5.47 14.82 -1.73
C ALA A 124 5.44 13.32 -1.50
N ILE A 125 4.41 12.73 -2.09
CA ILE A 125 4.24 11.27 -2.11
C ILE A 125 3.94 10.85 -3.55
N GLN A 126 4.55 9.76 -3.99
CA GLN A 126 4.36 9.24 -5.33
C GLN A 126 4.03 7.75 -5.23
N PHE A 127 3.03 7.32 -6.02
CA PHE A 127 2.76 5.89 -6.24
C PHE A 127 3.18 5.61 -7.69
N ASN A 128 4.13 4.70 -7.87
CA ASN A 128 4.72 4.50 -9.16
C ASN A 128 3.85 3.76 -10.15
N ALA A 129 2.95 2.92 -9.63
CA ALA A 129 2.20 2.01 -10.47
C ALA A 129 0.90 1.63 -9.81
N VAL A 130 -0.18 2.23 -10.24
CA VAL A 130 -1.50 1.96 -9.78
C VAL A 130 -2.30 1.42 -10.96
N VAL A 131 -2.75 0.16 -10.86
CA VAL A 131 -3.41 -0.51 -11.96
C VAL A 131 -4.71 0.26 -12.27
N GLU A 132 -4.92 0.63 -13.54
CA GLU A 132 -6.04 1.51 -13.86
C GLU A 132 -7.42 0.91 -13.64
N THR A 133 -7.47 -0.40 -13.64
CA THR A 133 -8.69 -1.14 -13.33
C THR A 133 -8.98 -1.30 -11.85
N ASN A 134 -8.04 -0.91 -11.01
CA ASN A 134 -8.21 -0.99 -9.55
C ASN A 134 -8.90 0.30 -9.13
N THR A 135 -10.15 0.51 -9.56
N THR A 135 -10.15 0.39 -9.55
CA THR A 135 -10.70 1.86 -9.46
CA THR A 135 -10.96 1.58 -9.51
C THR A 135 -11.05 2.17 -7.99
C THR A 135 -11.13 2.09 -8.07
N VAL A 136 -11.27 1.15 -7.14
CA VAL A 136 -11.52 1.47 -5.73
C VAL A 136 -10.31 2.21 -5.14
N ALA A 137 -9.13 1.70 -5.44
CA ALA A 137 -7.90 2.32 -4.97
C ALA A 137 -7.71 3.69 -5.62
N VAL A 138 -7.86 3.77 -6.94
CA VAL A 138 -7.67 5.01 -7.65
C VAL A 138 -8.55 6.10 -7.05
N LYS A 139 -9.84 5.82 -6.93
CA LYS A 139 -10.78 6.80 -6.42
C LYS A 139 -10.49 7.14 -4.97
N LEU A 140 -10.07 6.17 -4.17
CA LEU A 140 -9.73 6.42 -2.79
C LEU A 140 -8.53 7.35 -2.72
N TRP A 141 -7.50 7.07 -3.52
CA TRP A 141 -6.32 7.92 -3.50
C TRP A 141 -6.68 9.34 -3.99
N GLN A 142 -7.49 9.46 -5.03
CA GLN A 142 -7.96 10.78 -5.47
C GLN A 142 -8.67 11.51 -4.34
N SER A 143 -9.51 10.80 -3.58
CA SER A 143 -10.24 11.42 -2.47
C SER A 143 -9.31 11.92 -1.36
N LEU A 144 -8.08 11.41 -1.34
CA LEU A 144 -7.07 11.77 -0.36
C LEU A 144 -6.04 12.70 -0.96
N GLY A 145 -6.31 13.24 -2.14
CA GLY A 145 -5.48 14.29 -2.69
C GLY A 145 -4.50 13.91 -3.77
N PHE A 146 -4.41 12.64 -4.12
CA PHE A 146 -3.51 12.20 -5.18
C PHE A 146 -4.12 12.45 -6.54
N ARG A 147 -3.27 12.74 -7.51
N ARG A 147 -3.28 12.76 -7.51
CA ARG A 147 -3.72 12.85 -8.89
CA ARG A 147 -3.72 12.87 -8.88
C ARG A 147 -2.89 11.97 -9.80
C ARG A 147 -2.90 11.97 -9.78
N VAL A 148 -3.49 11.61 -10.92
CA VAL A 148 -2.78 10.88 -11.94
C VAL A 148 -1.88 11.86 -12.73
N ILE A 149 -0.55 11.61 -12.69
CA ILE A 149 0.48 12.37 -13.42
C ILE A 149 0.51 11.93 -14.88
N GLY A 150 0.26 10.65 -15.09
CA GLY A 150 0.24 10.05 -16.41
C GLY A 150 -0.01 8.55 -16.27
N THR A 151 -0.27 7.89 -17.39
CA THR A 151 -0.57 6.46 -17.40
C THR A 151 0.27 5.79 -18.47
N VAL A 152 1.02 4.77 -18.05
CA VAL A 152 1.79 3.97 -18.99
C VAL A 152 0.83 2.93 -19.59
N PRO A 153 0.60 2.99 -20.90
CA PRO A 153 -0.43 2.12 -21.46
C PRO A 153 0.01 0.66 -21.46
N GLU A 154 -0.98 -0.24 -21.32
CA GLU A 154 -0.76 -1.68 -21.50
C GLU A 154 0.43 -2.21 -20.72
N ALA A 155 0.65 -1.66 -19.54
CA ALA A 155 1.83 -2.02 -18.75
C ALA A 155 1.61 -3.14 -17.74
N PHE A 156 0.37 -3.65 -17.66
CA PHE A 156 0.04 -4.65 -16.65
C PHE A 156 -0.93 -5.63 -17.27
N HIS A 157 -0.64 -6.94 -17.23
CA HIS A 157 -1.58 -7.96 -17.75
C HIS A 157 -2.56 -8.37 -16.65
N HIS A 158 -3.82 -7.97 -16.80
CA HIS A 158 -4.86 -8.26 -15.87
C HIS A 158 -5.54 -9.57 -16.30
N PRO A 159 -5.88 -10.42 -15.35
CA PRO A 159 -6.45 -11.72 -15.74
C PRO A 159 -7.81 -11.71 -16.44
N THR A 160 -8.57 -10.63 -16.28
CA THR A 160 -9.84 -10.50 -16.96
C THR A 160 -9.79 -9.41 -18.06
N HIS A 161 -9.10 -8.29 -17.82
CA HIS A 161 -9.22 -7.11 -18.68
C HIS A 161 -8.08 -6.98 -19.67
N GLY A 162 -7.14 -7.93 -19.64
CA GLY A 162 -6.05 -7.94 -20.58
C GLY A 162 -4.98 -6.91 -20.20
N TYR A 163 -4.25 -6.46 -21.20
CA TYR A 163 -3.21 -5.47 -20.94
C TYR A 163 -3.86 -4.11 -20.66
N VAL A 164 -3.60 -3.57 -19.48
CA VAL A 164 -4.17 -2.31 -19.00
C VAL A 164 -3.06 -1.39 -18.48
N GLY A 165 -3.43 -0.14 -18.28
CA GLY A 165 -2.44 0.87 -17.88
C GLY A 165 -2.03 0.83 -16.43
N LEU A 166 -0.84 1.41 -16.19
CA LEU A 166 -0.37 1.69 -14.85
C LEU A 166 -0.26 3.21 -14.66
N HIS A 167 -1.06 3.77 -13.75
CA HIS A 167 -0.99 5.18 -13.45
C HIS A 167 0.24 5.44 -12.59
N VAL A 168 0.83 6.62 -12.78
CA VAL A 168 1.74 7.19 -11.79
C VAL A 168 0.92 8.25 -11.08
N HIS A 170 0.51 11.11 -7.68
CA HIS A 170 1.33 12.03 -6.90
C HIS A 170 0.46 12.94 -6.07
N ARG A 171 0.98 13.31 -4.90
N ARG A 171 0.96 13.28 -4.90
CA ARG A 171 0.33 14.26 -3.98
CA ARG A 171 0.43 14.47 -4.23
C ARG A 171 1.44 15.14 -3.41
C ARG A 171 1.48 15.20 -3.48
N PRO A 172 1.31 16.49 -3.46
CA PRO A 172 2.23 17.33 -2.70
C PRO A 172 1.94 17.27 -1.21
N LEU A 173 2.94 17.56 -0.39
CA LEU A 173 2.80 17.73 1.04
C LEU A 173 3.26 19.14 1.42
#